data_6NZQ
#
_entry.id   6NZQ
#
_cell.length_a   71.010
_cell.length_b   67.450
_cell.length_c   75.120
_cell.angle_alpha   90.00
_cell.angle_beta   112.73
_cell.angle_gamma   90.00
#
_symmetry.space_group_name_H-M   'P 1 21 1'
#
loop_
_entity.id
_entity.type
_entity.pdbx_description
1 polymer 'Non-receptor tyrosine-protein kinase TYK2'
2 non-polymer 6-[(5-fluoro-4-methylpyridin-2-yl)amino]-4-[(2-methoxy-3-{[(pyridin-2-yl)methyl]carbamoyl}phenyl)amino]-N-methylpyridine-3-carboxamide
3 water water
#
_entity_poly.entity_id   1
_entity_poly.type   'polypeptide(L)'
_entity_poly.pdbx_seq_one_letter_code
;MGSSHHHHHHSSGETVRFQGHMNLSQLSFHRVDQKEITQLSHLGQGTRTNVYEGRLRVEGSGDPEEGKMDDEDPLVPGRD
RGQELRVVLKVLDPSHHDIALAFYETASLMSQVSHTHLAFVHGVCVRGPENIMVTEYVEHGPLDVWLRRERGHVPMAWKM
VVAQQLASALSYLENKNLVHGNVCGRNILLARLGLAEGTSPFIKLSDPGVGLGALSREERVERIPWLAPECLPGGANSLS
TAMDKWGFGATLLEICFDGEAPLQSRSPSEKEHFYQRQHRLPEPSCPQLATLTSQCLTYEPTQRPSFRTILRDLTRL
;
_entity_poly.pdbx_strand_id   A,B
#
# COMPACT_ATOMS: atom_id res chain seq x y z
N SER A 28 2.57 -14.42 28.80
CA SER A 28 1.24 -13.87 28.55
C SER A 28 1.29 -12.61 27.67
N PHE A 29 1.61 -11.41 28.22
CA PHE A 29 1.68 -10.16 27.44
C PHE A 29 2.62 -9.10 28.01
N HIS A 30 3.17 -8.26 27.14
CA HIS A 30 4.05 -7.16 27.50
C HIS A 30 3.22 -6.01 28.09
N ARG A 31 3.77 -5.31 29.08
CA ARG A 31 3.08 -4.21 29.74
C ARG A 31 3.60 -2.87 29.21
N VAL A 32 2.68 -1.94 28.91
CA VAL A 32 2.97 -0.63 28.30
C VAL A 32 2.50 0.49 29.22
N ASP A 33 3.36 1.52 29.43
CA ASP A 33 3.01 2.69 30.25
C ASP A 33 2.16 3.66 29.42
N GLN A 34 1.27 4.39 30.10
CA GLN A 34 0.40 5.42 29.55
C GLN A 34 1.20 6.50 28.82
N LYS A 35 2.37 6.88 29.40
CA LYS A 35 3.29 7.91 28.86
C LYS A 35 3.82 7.61 27.45
N GLU A 36 4.04 6.31 27.12
CA GLU A 36 4.57 5.85 25.83
C GLU A 36 3.56 5.89 24.65
N ILE A 37 2.27 6.12 24.94
CA ILE A 37 1.27 6.09 23.88
C ILE A 37 0.53 7.43 23.68
N THR A 38 0.28 7.75 22.40
CA THR A 38 -0.48 8.92 21.95
C THR A 38 -1.64 8.41 21.10
N GLN A 39 -2.86 8.84 21.46
CA GLN A 39 -4.09 8.47 20.79
C GLN A 39 -4.38 9.53 19.74
N LEU A 40 -4.53 9.09 18.50
CA LEU A 40 -4.81 9.96 17.36
C LEU A 40 -6.27 9.80 16.92
N SER A 41 -6.51 9.74 15.61
CA SER A 41 -7.84 9.65 15.00
C SER A 41 -8.57 8.33 15.33
N HIS A 42 -9.90 8.40 15.45
CA HIS A 42 -10.84 7.32 15.69
C HIS A 42 -11.08 6.57 14.39
N LEU A 43 -10.95 5.26 14.43
CA LEU A 43 -11.08 4.39 13.26
C LEU A 43 -12.33 3.54 13.27
N GLY A 44 -12.89 3.29 14.45
CA GLY A 44 -14.09 2.46 14.58
C GLY A 44 -14.35 1.97 15.97
N GLN A 45 -15.41 1.17 16.12
CA GLN A 45 -15.87 0.60 17.39
C GLN A 45 -16.08 -0.89 17.26
N GLY A 46 -15.54 -1.63 18.20
CA GLY A 46 -15.69 -3.08 18.28
C GLY A 46 -16.54 -3.46 19.46
N THR A 47 -16.59 -4.78 19.79
CA THR A 47 -17.38 -5.23 20.94
C THR A 47 -16.71 -4.71 22.22
N ARG A 48 -17.35 -3.72 22.84
CA ARG A 48 -16.90 -3.02 24.05
C ARG A 48 -15.58 -2.27 23.83
N THR A 49 -15.23 -1.93 22.57
CA THR A 49 -13.99 -1.22 22.29
C THR A 49 -14.17 -0.07 21.32
N ASN A 50 -13.13 0.75 21.24
CA ASN A 50 -12.98 1.92 20.38
C ASN A 50 -11.60 1.86 19.87
N VAL A 51 -11.53 1.83 18.55
CA VAL A 51 -10.30 1.72 17.79
C VAL A 51 -9.81 3.11 17.36
N TYR A 52 -8.55 3.40 17.69
CA TYR A 52 -7.90 4.67 17.35
C TYR A 52 -6.55 4.39 16.75
N GLU A 53 -6.11 5.30 15.87
CA GLU A 53 -4.76 5.31 15.33
C GLU A 53 -3.93 5.88 16.50
N GLY A 54 -2.64 5.55 16.56
CA GLY A 54 -1.79 6.11 17.59
C GLY A 54 -0.31 5.96 17.36
N ARG A 55 0.47 6.43 18.34
CA ARG A 55 1.94 6.34 18.29
C ARG A 55 2.43 5.70 19.58
N LEU A 56 3.44 4.85 19.44
CA LEU A 56 4.10 4.12 20.51
C LEU A 56 5.58 4.52 20.53
N ARG A 57 6.07 5.01 21.70
CA ARG A 57 7.48 5.42 21.89
C ARG A 57 8.31 4.26 22.44
N GLU A 84 8.56 7.62 17.84
CA GLU A 84 7.14 7.33 17.69
C GLU A 84 6.84 6.37 16.51
N LEU A 85 6.47 5.09 16.83
CA LEU A 85 6.07 4.01 15.90
C LEU A 85 4.54 3.97 15.82
N ARG A 86 3.98 3.98 14.56
CA ARG A 86 2.53 4.01 14.30
C ARG A 86 1.84 2.67 14.66
N VAL A 87 0.87 2.78 15.55
CA VAL A 87 0.15 1.63 16.11
C VAL A 87 -1.38 1.86 16.06
N VAL A 88 -2.13 0.83 16.46
N VAL A 88 -2.16 0.84 16.43
CA VAL A 88 -3.58 0.84 16.56
CA VAL A 88 -3.59 1.00 16.57
C VAL A 88 -3.92 0.54 18.03
C VAL A 88 -3.93 0.58 17.99
N LEU A 89 -4.65 1.45 18.67
CA LEU A 89 -5.05 1.31 20.03
C LEU A 89 -6.49 0.84 20.14
N LYS A 90 -6.65 -0.27 20.88
CA LYS A 90 -7.94 -0.90 21.16
C LYS A 90 -8.27 -0.59 22.60
N VAL A 91 -9.09 0.44 22.75
CA VAL A 91 -9.46 1.00 24.04
C VAL A 91 -10.71 0.33 24.54
N LEU A 92 -10.58 -0.50 25.61
CA LEU A 92 -11.72 -1.15 26.20
C LEU A 92 -12.60 -0.12 26.95
N ASP A 93 -13.93 -0.26 26.82
CA ASP A 93 -14.94 0.57 27.49
C ASP A 93 -14.79 0.42 29.00
N PRO A 94 -15.34 1.31 29.88
CA PRO A 94 -15.27 1.02 31.33
C PRO A 94 -16.00 -0.31 31.56
N SER A 95 -15.22 -1.34 31.97
CA SER A 95 -15.67 -2.74 32.11
C SER A 95 -15.39 -3.37 33.45
N HIS A 96 -16.10 -4.49 33.75
CA HIS A 96 -15.89 -5.30 34.94
C HIS A 96 -14.64 -6.16 34.74
N HIS A 97 -14.15 -6.77 35.83
CA HIS A 97 -12.91 -7.54 35.87
C HIS A 97 -12.91 -8.75 34.96
N ASP A 98 -14.09 -9.40 34.81
CA ASP A 98 -14.25 -10.56 33.92
C ASP A 98 -14.10 -10.16 32.47
N ILE A 99 -14.64 -8.97 32.09
CA ILE A 99 -14.49 -8.42 30.72
C ILE A 99 -13.01 -8.11 30.42
N ALA A 100 -12.33 -7.41 31.36
CA ALA A 100 -10.92 -7.04 31.24
C ALA A 100 -10.05 -8.27 31.16
N LEU A 101 -10.40 -9.33 31.91
CA LEU A 101 -9.62 -10.58 31.94
C LEU A 101 -9.65 -11.30 30.58
N ALA A 102 -10.83 -11.26 29.92
CA ALA A 102 -11.11 -11.79 28.58
C ALA A 102 -10.30 -10.98 27.53
N PHE A 103 -10.11 -9.68 27.80
CA PHE A 103 -9.32 -8.77 26.98
C PHE A 103 -7.84 -9.14 27.10
N TYR A 104 -7.36 -9.46 28.34
CA TYR A 104 -5.96 -9.86 28.55
C TYR A 104 -5.65 -11.21 27.89
N GLU A 105 -6.60 -12.14 27.92
CA GLU A 105 -6.46 -13.45 27.29
C GLU A 105 -6.22 -13.29 25.77
N THR A 106 -6.97 -12.36 25.14
CA THR A 106 -6.86 -12.00 23.73
C THR A 106 -5.44 -11.45 23.44
N ALA A 107 -4.96 -10.54 24.30
CA ALA A 107 -3.61 -9.97 24.16
C ALA A 107 -2.58 -11.08 24.25
N SER A 108 -2.74 -11.99 25.27
CA SER A 108 -1.89 -13.14 25.49
C SER A 108 -1.80 -14.02 24.23
N LEU A 109 -2.93 -14.58 23.76
CA LEU A 109 -2.98 -15.40 22.56
C LEU A 109 -2.14 -14.81 21.41
N MET A 110 -2.35 -13.50 21.12
CA MET A 110 -1.67 -12.78 20.05
C MET A 110 -0.18 -12.49 20.35
N SER A 111 0.15 -12.20 21.63
CA SER A 111 1.53 -11.94 22.07
C SER A 111 2.39 -13.21 21.96
N GLN A 112 1.85 -14.35 22.39
CA GLN A 112 2.51 -15.65 22.42
C GLN A 112 2.53 -16.39 21.07
N VAL A 113 2.05 -15.76 19.98
CA VAL A 113 2.10 -16.41 18.67
C VAL A 113 2.98 -15.61 17.71
N SER A 114 3.30 -16.21 16.56
CA SER A 114 4.12 -15.58 15.52
C SER A 114 3.77 -16.22 14.20
N HIS A 115 3.23 -15.42 13.30
CA HIS A 115 2.85 -15.87 11.95
C HIS A 115 2.82 -14.68 11.04
N THR A 116 3.20 -14.91 9.78
CA THR A 116 3.35 -13.90 8.75
C THR A 116 1.96 -13.25 8.44
N HIS A 117 0.88 -14.05 8.59
CA HIS A 117 -0.49 -13.60 8.37
C HIS A 117 -1.29 -13.42 9.66
N LEU A 118 -0.62 -12.98 10.74
CA LEU A 118 -1.22 -12.72 12.03
C LEU A 118 -0.68 -11.40 12.55
N ALA A 119 -1.58 -10.48 12.96
CA ALA A 119 -1.18 -9.16 13.43
C ALA A 119 -0.47 -9.21 14.76
N PHE A 120 0.56 -8.39 14.88
CA PHE A 120 1.41 -8.27 16.05
C PHE A 120 0.71 -7.48 17.15
N VAL A 121 0.94 -7.87 18.41
CA VAL A 121 0.45 -7.19 19.60
C VAL A 121 1.69 -6.75 20.38
N HIS A 122 1.81 -5.44 20.59
CA HIS A 122 2.94 -4.83 21.30
C HIS A 122 2.83 -5.13 22.77
N GLY A 123 1.62 -4.97 23.30
CA GLY A 123 1.32 -5.21 24.71
C GLY A 123 0.03 -4.55 25.10
N VAL A 124 -0.15 -4.31 26.41
CA VAL A 124 -1.36 -3.72 26.97
C VAL A 124 -1.00 -2.65 27.99
N CYS A 125 -1.70 -1.51 27.91
CA CYS A 125 -1.59 -0.43 28.83
C CYS A 125 -2.80 -0.48 29.78
N VAL A 126 -2.50 -0.73 31.06
CA VAL A 126 -3.47 -0.89 32.16
C VAL A 126 -3.18 0.18 33.20
N ARG A 127 -4.07 1.17 33.34
CA ARG A 127 -3.94 2.26 34.31
C ARG A 127 -5.34 2.65 34.79
N GLY A 128 -5.59 2.43 36.07
CA GLY A 128 -6.89 2.74 36.68
C GLY A 128 -8.00 2.01 35.95
N PRO A 129 -8.95 2.72 35.29
CA PRO A 129 -10.01 2.02 34.54
C PRO A 129 -9.63 1.71 33.07
N GLU A 130 -8.52 2.26 32.59
CA GLU A 130 -8.07 2.11 31.21
C GLU A 130 -7.48 0.75 30.93
N ASN A 131 -7.86 0.19 29.77
CA ASN A 131 -7.35 -1.06 29.21
C ASN A 131 -7.13 -0.80 27.73
N ILE A 132 -5.86 -0.63 27.32
CA ILE A 132 -5.53 -0.30 25.95
C ILE A 132 -4.58 -1.30 25.34
N MET A 133 -5.08 -2.06 24.38
CA MET A 133 -4.24 -3.00 23.68
C MET A 133 -3.56 -2.19 22.55
N VAL A 134 -2.23 -2.32 22.44
CA VAL A 134 -1.37 -1.63 21.47
C VAL A 134 -1.03 -2.69 20.46
N THR A 135 -1.52 -2.50 19.21
CA THR A 135 -1.40 -3.50 18.14
C THR A 135 -0.74 -2.92 16.91
N GLU A 136 -0.41 -3.80 15.94
CA GLU A 136 0.19 -3.45 14.67
C GLU A 136 -0.77 -2.57 13.85
N TYR A 137 -0.24 -1.55 13.10
CA TYR A 137 -1.00 -0.71 12.15
C TYR A 137 -0.72 -1.36 10.83
N VAL A 138 -1.77 -1.81 10.16
CA VAL A 138 -1.68 -2.48 8.89
C VAL A 138 -2.18 -1.45 7.88
N GLU A 139 -1.27 -1.04 6.98
CA GLU A 139 -1.39 0.00 5.95
C GLU A 139 -2.79 0.33 5.46
N HIS A 140 -3.48 -0.63 4.79
CA HIS A 140 -4.78 -0.44 4.14
C HIS A 140 -6.03 -0.80 4.94
N GLY A 141 -5.87 -1.31 6.14
CA GLY A 141 -7.00 -1.60 7.00
C GLY A 141 -7.89 -2.76 6.64
N PRO A 142 -9.12 -2.75 7.22
CA PRO A 142 -10.06 -3.87 7.07
C PRO A 142 -10.46 -4.26 5.63
N LEU A 143 -10.40 -5.57 5.37
CA LEU A 143 -10.68 -6.17 4.07
C LEU A 143 -12.12 -5.95 3.64
N ASP A 144 -13.08 -6.00 4.58
CA ASP A 144 -14.50 -5.85 4.25
C ASP A 144 -14.83 -4.50 3.62
N VAL A 145 -14.24 -3.44 4.16
CA VAL A 145 -14.32 -2.04 3.70
C VAL A 145 -13.77 -1.93 2.27
N TRP A 146 -12.59 -2.54 2.04
CA TRP A 146 -11.95 -2.56 0.75
C TRP A 146 -12.84 -3.26 -0.26
N LEU A 147 -13.36 -4.43 0.11
CA LEU A 147 -14.21 -5.26 -0.74
C LEU A 147 -15.48 -4.54 -1.22
N ARG A 148 -16.10 -3.73 -0.36
CA ARG A 148 -17.31 -2.96 -0.70
C ARG A 148 -17.00 -1.79 -1.63
N ARG A 149 -15.84 -1.17 -1.43
CA ARG A 149 -15.38 -0.04 -2.21
C ARG A 149 -14.89 -0.49 -3.62
N GLU A 150 -14.49 -1.77 -3.73
CA GLU A 150 -13.97 -2.35 -4.97
C GLU A 150 -14.90 -3.39 -5.57
N ARG A 151 -16.17 -3.37 -5.11
CA ARG A 151 -17.30 -4.24 -5.45
C ARG A 151 -17.47 -4.40 -6.97
N GLY A 152 -17.38 -5.63 -7.43
CA GLY A 152 -17.49 -5.93 -8.86
C GLY A 152 -16.18 -5.97 -9.61
N HIS A 153 -15.10 -5.44 -9.01
CA HIS A 153 -13.79 -5.34 -9.64
C HIS A 153 -12.69 -6.13 -8.89
N VAL A 154 -13.09 -7.16 -8.12
CA VAL A 154 -12.15 -8.01 -7.38
C VAL A 154 -12.09 -9.41 -8.02
N PRO A 155 -10.93 -9.78 -8.61
CA PRO A 155 -10.84 -11.08 -9.29
C PRO A 155 -10.85 -12.28 -8.37
N MET A 156 -11.37 -13.40 -8.91
CA MET A 156 -11.45 -14.69 -8.26
C MET A 156 -10.11 -15.15 -7.70
N ALA A 157 -9.04 -14.98 -8.49
CA ALA A 157 -7.65 -15.30 -8.20
C ALA A 157 -7.14 -14.55 -6.95
N TRP A 158 -7.47 -13.23 -6.86
CA TRP A 158 -7.15 -12.34 -5.73
C TRP A 158 -7.75 -12.93 -4.41
N LYS A 159 -9.03 -13.33 -4.46
CA LYS A 159 -9.80 -13.93 -3.35
C LYS A 159 -9.22 -15.26 -2.86
N MET A 160 -8.74 -16.12 -3.79
CA MET A 160 -8.11 -17.41 -3.48
C MET A 160 -6.80 -17.18 -2.71
N VAL A 161 -6.02 -16.14 -3.10
CA VAL A 161 -4.79 -15.74 -2.40
C VAL A 161 -5.17 -15.45 -0.94
N VAL A 162 -6.06 -14.47 -0.72
CA VAL A 162 -6.61 -14.05 0.59
C VAL A 162 -7.09 -15.28 1.40
N ALA A 163 -7.79 -16.25 0.72
CA ALA A 163 -8.32 -17.48 1.32
C ALA A 163 -7.21 -18.40 1.86
N GLN A 164 -6.18 -18.69 1.00
CA GLN A 164 -4.99 -19.52 1.33
C GLN A 164 -4.24 -18.91 2.52
N GLN A 165 -4.06 -17.58 2.55
CA GLN A 165 -3.35 -16.87 3.62
C GLN A 165 -4.12 -16.88 4.92
N LEU A 166 -5.47 -16.80 4.86
CA LEU A 166 -6.34 -16.83 6.05
C LEU A 166 -6.31 -18.26 6.58
N ALA A 167 -6.37 -19.26 5.68
CA ALA A 167 -6.34 -20.69 5.99
C ALA A 167 -5.02 -21.09 6.60
N SER A 168 -3.93 -20.43 6.17
CA SER A 168 -2.58 -20.66 6.68
C SER A 168 -2.43 -20.20 8.11
N ALA A 169 -2.91 -18.99 8.44
CA ALA A 169 -2.82 -18.48 9.80
C ALA A 169 -3.74 -19.24 10.77
N LEU A 170 -4.77 -19.93 10.22
CA LEU A 170 -5.72 -20.70 11.01
C LEU A 170 -5.25 -22.16 11.21
N SER A 171 -4.49 -22.70 10.21
CA SER A 171 -3.84 -24.03 10.24
C SER A 171 -2.72 -23.96 11.24
N TYR A 172 -2.01 -22.85 11.27
CA TYR A 172 -0.96 -22.58 12.24
C TYR A 172 -1.58 -22.59 13.64
N LEU A 173 -2.74 -21.92 13.84
CA LEU A 173 -3.38 -21.87 15.16
C LEU A 173 -3.97 -23.24 15.55
N GLU A 174 -4.32 -24.08 14.54
CA GLU A 174 -4.88 -25.43 14.72
C GLU A 174 -3.81 -26.38 15.22
N ASN A 175 -2.60 -26.30 14.64
CA ASN A 175 -1.46 -27.12 15.04
C ASN A 175 -1.01 -26.81 16.47
N LYS A 176 -1.20 -25.56 16.93
CA LYS A 176 -0.87 -25.14 18.30
C LYS A 176 -2.10 -25.33 19.22
N ASN A 177 -3.21 -25.84 18.64
CA ASN A 177 -4.50 -26.08 19.30
C ASN A 177 -5.04 -24.83 20.06
N LEU A 178 -5.01 -23.68 19.35
CA LEU A 178 -5.48 -22.38 19.83
C LEU A 178 -6.69 -21.91 19.04
N VAL A 179 -7.56 -21.12 19.71
CA VAL A 179 -8.78 -20.61 19.09
C VAL A 179 -8.69 -19.07 18.89
N HIS A 180 -9.02 -18.61 17.66
CA HIS A 180 -9.13 -17.19 17.35
C HIS A 180 -10.51 -16.77 17.91
N GLY A 181 -11.57 -17.32 17.30
CA GLY A 181 -12.97 -17.13 17.70
C GLY A 181 -13.70 -15.91 17.20
N ASN A 182 -13.10 -15.16 16.23
CA ASN A 182 -13.67 -13.94 15.65
C ASN A 182 -13.14 -13.73 14.21
N VAL A 183 -13.22 -14.78 13.40
CA VAL A 183 -12.78 -14.68 12.02
C VAL A 183 -13.91 -14.02 11.22
N CYS A 184 -13.64 -12.82 10.66
CA CYS A 184 -14.58 -12.08 9.81
C CYS A 184 -13.79 -11.10 9.00
N GLY A 185 -14.34 -10.64 7.88
CA GLY A 185 -13.69 -9.70 6.96
C GLY A 185 -13.07 -8.50 7.65
N ARG A 186 -13.78 -7.96 8.66
CA ARG A 186 -13.36 -6.82 9.47
C ARG A 186 -12.06 -7.07 10.23
N ASN A 187 -11.80 -8.34 10.61
CA ASN A 187 -10.57 -8.72 11.33
C ASN A 187 -9.45 -9.13 10.40
N ILE A 188 -9.67 -9.04 9.09
CA ILE A 188 -8.67 -9.32 8.08
C ILE A 188 -8.13 -7.97 7.60
N LEU A 189 -6.86 -7.74 7.80
CA LEU A 189 -6.28 -6.46 7.42
C LEU A 189 -5.34 -6.61 6.26
N LEU A 190 -5.47 -5.73 5.26
CA LEU A 190 -4.62 -5.76 4.07
C LEU A 190 -3.38 -4.97 4.27
N ALA A 191 -2.26 -5.68 4.30
CA ALA A 191 -0.93 -5.08 4.43
C ALA A 191 -0.49 -4.54 3.05
N ARG A 192 -0.62 -5.35 1.99
CA ARG A 192 -0.32 -5.06 0.58
C ARG A 192 -1.64 -5.37 -0.19
N LEU A 193 -2.06 -4.45 -1.08
CA LEU A 193 -3.35 -4.53 -1.81
C LEU A 193 -3.39 -5.54 -2.96
N GLY A 194 -2.25 -5.84 -3.58
CA GLY A 194 -2.19 -6.77 -4.71
C GLY A 194 -2.90 -6.24 -5.95
N LEU A 195 -2.82 -4.90 -6.16
CA LEU A 195 -3.48 -4.21 -7.28
C LEU A 195 -2.63 -4.11 -8.55
N ALA A 196 -1.30 -3.97 -8.38
CA ALA A 196 -0.37 -3.93 -9.50
C ALA A 196 -0.23 -5.34 -10.11
N GLU A 197 0.00 -5.42 -11.43
CA GLU A 197 0.13 -6.67 -12.20
C GLU A 197 1.23 -7.56 -11.61
N GLY A 198 0.91 -8.86 -11.50
CA GLY A 198 1.80 -9.89 -10.96
C GLY A 198 2.09 -9.77 -9.48
N THR A 199 1.31 -8.94 -8.76
CA THR A 199 1.47 -8.76 -7.31
C THR A 199 0.27 -9.32 -6.60
N SER A 200 0.51 -9.94 -5.45
CA SER A 200 -0.52 -10.58 -4.66
C SER A 200 -0.87 -9.79 -3.39
N PRO A 201 -2.16 -9.86 -2.92
CA PRO A 201 -2.50 -9.18 -1.66
C PRO A 201 -1.81 -9.88 -0.49
N PHE A 202 -1.60 -9.17 0.60
CA PHE A 202 -0.97 -9.72 1.78
C PHE A 202 -1.86 -9.34 2.93
N ILE A 203 -2.41 -10.35 3.64
CA ILE A 203 -3.30 -10.10 4.78
C ILE A 203 -2.63 -10.40 6.12
N LYS A 204 -3.23 -9.83 7.18
CA LYS A 204 -2.86 -10.03 8.56
C LYS A 204 -4.15 -10.17 9.36
N LEU A 205 -4.30 -11.29 10.09
CA LEU A 205 -5.48 -11.54 10.90
C LEU A 205 -5.33 -10.78 12.22
N SER A 206 -6.29 -9.92 12.55
CA SER A 206 -6.27 -9.08 13.75
C SER A 206 -6.52 -9.93 14.98
N ASP A 207 -6.36 -9.33 16.17
CA ASP A 207 -6.69 -9.96 17.44
C ASP A 207 -8.21 -10.15 17.47
N PRO A 208 -8.73 -11.20 18.13
CA PRO A 208 -10.18 -11.39 18.14
C PRO A 208 -11.00 -10.44 19.06
N GLY A 209 -10.35 -9.47 19.72
CA GLY A 209 -10.99 -8.58 20.68
C GLY A 209 -11.46 -9.36 21.90
N VAL A 210 -12.30 -8.73 22.80
CA VAL A 210 -12.86 -9.41 24.00
C VAL A 210 -13.32 -10.83 23.66
N GLY A 211 -12.76 -11.83 24.34
CA GLY A 211 -13.13 -13.23 24.15
C GLY A 211 -14.63 -13.47 24.12
N LEU A 212 -15.06 -14.39 23.25
CA LEU A 212 -16.47 -14.69 23.06
C LEU A 212 -17.21 -15.11 24.35
N GLY A 213 -16.47 -15.76 25.27
CA GLY A 213 -16.97 -16.23 26.56
C GLY A 213 -17.55 -15.14 27.43
N ALA A 214 -16.99 -13.93 27.36
CA ALA A 214 -17.42 -12.77 28.14
C ALA A 214 -18.63 -12.02 27.54
N LEU A 215 -19.04 -12.35 26.30
CA LEU A 215 -20.16 -11.67 25.65
C LEU A 215 -21.52 -12.18 26.06
N SER A 216 -22.52 -11.26 26.07
CA SER A 216 -23.95 -11.54 26.31
C SER A 216 -24.56 -12.27 25.09
N ARG A 217 -25.77 -12.83 25.24
CA ARG A 217 -26.45 -13.49 24.12
C ARG A 217 -26.75 -12.50 22.99
N GLU A 218 -27.16 -11.27 23.32
CA GLU A 218 -27.44 -10.20 22.36
C GLU A 218 -26.21 -9.93 21.48
N GLU A 219 -25.02 -9.86 22.11
CA GLU A 219 -23.73 -9.64 21.45
C GLU A 219 -23.31 -10.82 20.57
N ARG A 220 -23.62 -12.05 21.01
CA ARG A 220 -23.31 -13.24 20.22
C ARG A 220 -24.23 -13.29 18.98
N VAL A 221 -25.52 -12.93 19.15
CA VAL A 221 -26.49 -12.89 18.05
C VAL A 221 -26.03 -11.87 16.98
N GLU A 222 -25.41 -10.76 17.40
CA GLU A 222 -24.86 -9.74 16.50
C GLU A 222 -23.75 -10.28 15.60
N ARG A 223 -23.10 -11.40 16.02
CA ARG A 223 -21.96 -12.01 15.33
C ARG A 223 -22.37 -13.02 14.26
N ILE A 224 -23.70 -13.33 14.15
CA ILE A 224 -24.28 -14.18 13.12
C ILE A 224 -24.15 -13.40 11.81
N PRO A 225 -23.67 -13.97 10.69
CA PRO A 225 -23.40 -15.40 10.41
C PRO A 225 -22.01 -15.95 10.73
N TRP A 226 -21.09 -15.12 11.24
CA TRP A 226 -19.72 -15.55 11.53
C TRP A 226 -19.62 -16.41 12.78
N LEU A 227 -20.44 -16.12 13.80
CA LEU A 227 -20.51 -16.87 15.04
C LEU A 227 -20.95 -18.32 14.76
N ALA A 228 -20.16 -19.34 15.21
CA ALA A 228 -20.51 -20.76 15.06
C ALA A 228 -21.81 -21.02 15.85
N PRO A 229 -22.80 -21.76 15.27
CA PRO A 229 -24.11 -21.94 15.97
C PRO A 229 -24.01 -22.59 17.35
N GLU A 230 -22.97 -23.43 17.61
CA GLU A 230 -22.78 -24.07 18.92
C GLU A 230 -22.47 -23.05 20.03
N CYS A 231 -21.98 -21.85 19.65
CA CYS A 231 -21.64 -20.77 20.57
C CYS A 231 -22.84 -19.91 20.90
N LEU A 232 -23.97 -20.13 20.24
CA LEU A 232 -25.18 -19.34 20.47
C LEU A 232 -25.83 -19.51 21.89
N PRO A 233 -26.03 -20.74 22.44
CA PRO A 233 -26.68 -20.82 23.77
C PRO A 233 -25.78 -20.42 24.95
N SER A 240 -14.10 -24.72 21.36
CA SER A 240 -13.30 -25.59 20.49
C SER A 240 -12.83 -24.89 19.22
N THR A 241 -11.73 -25.44 18.63
CA THR A 241 -11.12 -24.97 17.37
C THR A 241 -12.11 -25.10 16.19
N ALA A 242 -13.13 -25.97 16.34
CA ALA A 242 -14.17 -26.24 15.35
C ALA A 242 -14.95 -24.96 14.94
N MET A 243 -15.06 -23.99 15.87
CA MET A 243 -15.75 -22.72 15.64
C MET A 243 -15.05 -21.89 14.51
N ASP A 244 -13.68 -21.85 14.49
CA ASP A 244 -12.91 -21.10 13.49
C ASP A 244 -13.09 -21.67 12.08
N LYS A 245 -13.58 -22.92 11.96
CA LYS A 245 -13.87 -23.49 10.64
C LYS A 245 -15.20 -22.92 10.13
N TRP A 246 -16.17 -22.64 11.03
CA TRP A 246 -17.44 -21.98 10.68
C TRP A 246 -17.11 -20.49 10.33
N GLY A 247 -16.36 -19.81 11.23
CA GLY A 247 -15.90 -18.43 11.05
C GLY A 247 -15.24 -18.25 9.70
N PHE A 248 -14.33 -19.16 9.35
CA PHE A 248 -13.63 -19.22 8.08
C PHE A 248 -14.62 -19.37 6.89
N GLY A 249 -15.56 -20.30 7.02
CA GLY A 249 -16.58 -20.55 6.00
C GLY A 249 -17.41 -19.32 5.73
N ALA A 250 -17.93 -18.69 6.79
CA ALA A 250 -18.74 -17.49 6.71
C ALA A 250 -17.96 -16.27 6.09
N THR A 251 -16.66 -16.16 6.39
CA THR A 251 -15.77 -15.11 5.90
C THR A 251 -15.51 -15.30 4.41
N LEU A 252 -15.38 -16.56 3.98
CA LEU A 252 -15.20 -16.89 2.57
C LEU A 252 -16.45 -16.50 1.79
N LEU A 253 -17.66 -16.57 2.39
CA LEU A 253 -18.88 -16.14 1.72
C LEU A 253 -18.93 -14.64 1.60
N GLU A 254 -18.48 -13.93 2.66
CA GLU A 254 -18.38 -12.47 2.76
C GLU A 254 -17.42 -11.97 1.68
N ILE A 255 -16.27 -12.69 1.49
CA ILE A 255 -15.25 -12.36 0.48
C ILE A 255 -15.82 -12.54 -0.92
N CYS A 256 -16.51 -13.67 -1.14
CA CYS A 256 -17.13 -13.98 -2.42
CA CYS A 256 -17.13 -13.98 -2.42
C CYS A 256 -18.18 -12.95 -2.80
N PHE A 257 -19.00 -12.51 -1.82
CA PHE A 257 -20.06 -11.53 -2.05
C PHE A 257 -19.59 -10.08 -1.89
N ASP A 258 -18.30 -9.84 -2.15
CA ASP A 258 -17.59 -8.56 -2.12
C ASP A 258 -17.90 -7.69 -0.89
N GLY A 259 -17.76 -8.30 0.29
CA GLY A 259 -17.98 -7.62 1.56
C GLY A 259 -19.39 -7.64 2.10
N GLU A 260 -20.33 -8.26 1.38
CA GLU A 260 -21.72 -8.35 1.80
C GLU A 260 -22.02 -9.75 2.39
N ALA A 261 -21.89 -9.93 3.72
CA ALA A 261 -22.19 -11.24 4.34
C ALA A 261 -23.68 -11.54 4.29
N PRO A 262 -24.10 -12.80 4.08
CA PRO A 262 -25.56 -13.08 4.11
C PRO A 262 -26.06 -12.88 5.53
N LEU A 263 -27.33 -12.45 5.71
CA LEU A 263 -28.00 -12.19 7.01
C LEU A 263 -27.58 -10.90 7.71
N GLN A 264 -26.49 -10.25 7.25
CA GLN A 264 -25.92 -9.02 7.81
C GLN A 264 -26.96 -7.89 8.03
N SER A 265 -27.82 -7.67 7.04
CA SER A 265 -28.84 -6.60 7.09
C SER A 265 -30.04 -6.97 7.98
N ARG A 266 -30.39 -8.29 8.05
CA ARG A 266 -31.52 -8.88 8.77
C ARG A 266 -31.45 -8.61 10.31
N SER A 267 -32.63 -8.61 10.99
CA SER A 267 -32.83 -8.30 12.43
C SER A 267 -32.32 -9.37 13.40
N PRO A 268 -32.03 -9.04 14.70
CA PRO A 268 -31.51 -10.08 15.62
C PRO A 268 -32.40 -11.30 15.75
N SER A 269 -33.73 -11.09 15.74
CA SER A 269 -34.71 -12.17 15.85
C SER A 269 -34.62 -13.07 14.63
N GLU A 270 -34.54 -12.45 13.40
CA GLU A 270 -34.37 -13.14 12.11
C GLU A 270 -33.07 -13.98 12.11
N LYS A 271 -31.97 -13.38 12.64
CA LYS A 271 -30.65 -14.00 12.74
C LYS A 271 -30.69 -15.20 13.69
N GLU A 272 -31.26 -15.01 14.89
CA GLU A 272 -31.41 -16.08 15.87
C GLU A 272 -32.31 -17.21 15.29
N HIS A 273 -33.45 -16.82 14.67
CA HIS A 273 -34.40 -17.74 14.06
C HIS A 273 -33.73 -18.67 13.04
N PHE A 274 -32.80 -18.12 12.20
CA PHE A 274 -32.05 -18.84 11.19
C PHE A 274 -31.22 -19.99 11.78
N TYR A 275 -30.57 -19.75 12.92
CA TYR A 275 -29.74 -20.72 13.61
C TYR A 275 -30.59 -21.70 14.37
N GLN A 276 -31.64 -21.17 15.11
CA GLN A 276 -32.60 -22.01 15.87
C GLN A 276 -33.31 -23.03 14.92
N ARG A 277 -33.61 -22.62 13.63
CA ARG A 277 -34.29 -23.49 12.66
C ARG A 277 -33.33 -24.35 11.82
N GLN A 278 -32.00 -24.29 12.13
CA GLN A 278 -30.90 -25.04 11.50
C GLN A 278 -30.70 -24.75 9.98
N HIS A 279 -31.22 -23.60 9.50
CA HIS A 279 -31.10 -23.20 8.10
C HIS A 279 -29.65 -23.09 7.65
N ARG A 280 -29.36 -23.39 6.38
CA ARG A 280 -27.98 -23.28 5.92
C ARG A 280 -27.76 -22.00 5.08
N LEU A 281 -26.53 -21.47 5.14
CA LEU A 281 -26.17 -20.22 4.47
C LEU A 281 -26.12 -20.39 2.95
N PRO A 282 -26.32 -19.29 2.16
CA PRO A 282 -26.26 -19.44 0.69
C PRO A 282 -24.94 -20.01 0.20
N GLU A 283 -24.99 -20.65 -0.95
CA GLU A 283 -23.78 -21.20 -1.57
C GLU A 283 -23.01 -20.04 -2.26
N PRO A 284 -21.67 -20.05 -2.22
CA PRO A 284 -20.91 -18.94 -2.86
C PRO A 284 -21.13 -18.85 -4.37
N SER A 285 -20.98 -17.63 -4.93
CA SER A 285 -21.13 -17.33 -6.36
C SER A 285 -20.16 -18.15 -7.22
N CYS A 286 -18.92 -18.31 -6.73
CA CYS A 286 -17.86 -19.08 -7.39
C CYS A 286 -17.86 -20.56 -6.97
N PRO A 287 -18.14 -21.50 -7.90
CA PRO A 287 -18.18 -22.93 -7.52
C PRO A 287 -16.83 -23.51 -7.09
N GLN A 288 -15.80 -22.64 -7.14
CA GLN A 288 -14.42 -22.89 -6.74
C GLN A 288 -14.33 -23.17 -5.22
N LEU A 289 -15.25 -22.59 -4.43
CA LEU A 289 -15.30 -22.68 -2.98
C LEU A 289 -16.59 -23.29 -2.38
N ALA A 290 -17.59 -23.58 -3.25
CA ALA A 290 -18.90 -24.13 -2.88
C ALA A 290 -18.87 -25.42 -2.06
N THR A 291 -17.88 -26.29 -2.35
CA THR A 291 -17.71 -27.57 -1.65
C THR A 291 -17.08 -27.29 -0.28
N LEU A 292 -16.06 -26.44 -0.26
CA LEU A 292 -15.36 -26.07 0.96
C LEU A 292 -16.30 -25.40 1.98
N THR A 293 -17.09 -24.38 1.54
CA THR A 293 -18.01 -23.65 2.42
C THR A 293 -19.13 -24.52 2.95
N SER A 294 -19.70 -25.43 2.12
CA SER A 294 -20.76 -26.34 2.53
C SER A 294 -20.25 -27.26 3.64
N GLN A 295 -18.98 -27.71 3.50
CA GLN A 295 -18.29 -28.55 4.47
C GLN A 295 -18.04 -27.81 5.77
N CYS A 296 -17.63 -26.54 5.70
CA CYS A 296 -17.30 -25.69 6.85
C CYS A 296 -18.53 -25.20 7.61
N LEU A 297 -19.60 -24.87 6.89
CA LEU A 297 -20.80 -24.30 7.47
C LEU A 297 -21.85 -25.36 7.81
N THR A 298 -21.38 -26.46 8.42
CA THR A 298 -22.22 -27.55 8.92
C THR A 298 -22.41 -27.36 10.42
N TYR A 299 -23.66 -27.53 10.89
CA TYR A 299 -24.05 -27.35 12.28
C TYR A 299 -23.39 -28.35 13.25
N GLU A 300 -22.89 -29.49 12.73
CA GLU A 300 -22.18 -30.50 13.52
C GLU A 300 -20.67 -30.14 13.53
N PRO A 301 -20.13 -29.62 14.67
CA PRO A 301 -18.72 -29.21 14.71
C PRO A 301 -17.69 -30.25 14.25
N THR A 302 -17.90 -31.54 14.61
CA THR A 302 -17.02 -32.66 14.26
C THR A 302 -16.95 -32.95 12.75
N GLN A 303 -18.04 -32.61 12.01
CA GLN A 303 -18.16 -32.78 10.56
C GLN A 303 -17.45 -31.67 9.71
N ARG A 304 -16.77 -30.70 10.38
CA ARG A 304 -16.02 -29.63 9.72
C ARG A 304 -14.60 -30.09 9.42
N PRO A 305 -14.12 -29.92 8.15
CA PRO A 305 -12.74 -30.35 7.82
C PRO A 305 -11.66 -29.63 8.60
N SER A 306 -10.45 -30.21 8.71
CA SER A 306 -9.34 -29.59 9.43
C SER A 306 -8.74 -28.50 8.54
N PHE A 307 -7.94 -27.57 9.11
CA PHE A 307 -7.31 -26.54 8.28
C PHE A 307 -6.19 -27.10 7.43
N ARG A 308 -5.62 -28.25 7.84
CA ARG A 308 -4.62 -29.00 7.09
C ARG A 308 -5.30 -29.48 5.80
N THR A 309 -6.55 -29.98 5.90
CA THR A 309 -7.33 -30.43 4.73
C THR A 309 -7.67 -29.23 3.85
N ILE A 310 -8.35 -28.20 4.42
CA ILE A 310 -8.75 -26.94 3.77
C ILE A 310 -7.60 -26.35 2.94
N LEU A 311 -6.42 -26.19 3.57
CA LEU A 311 -5.20 -25.66 2.96
C LEU A 311 -4.78 -26.46 1.73
N ARG A 312 -4.82 -27.81 1.80
CA ARG A 312 -4.49 -28.72 0.69
C ARG A 312 -5.49 -28.54 -0.47
N ASP A 313 -6.79 -28.40 -0.14
CA ASP A 313 -7.88 -28.19 -1.11
C ASP A 313 -7.75 -26.85 -1.87
N LEU A 314 -7.14 -25.83 -1.21
CA LEU A 314 -6.94 -24.47 -1.75
C LEU A 314 -5.71 -24.34 -2.64
N THR A 315 -4.65 -25.15 -2.36
CA THR A 315 -3.38 -25.18 -3.08
C THR A 315 -3.51 -25.94 -4.41
N SER B 28 5.60 5.70 -32.26
CA SER B 28 4.96 6.76 -31.49
C SER B 28 4.17 6.22 -30.28
N PHE B 29 2.81 6.26 -30.25
CA PHE B 29 2.01 5.78 -29.09
C PHE B 29 0.69 5.12 -29.46
N HIS B 30 0.24 4.19 -28.60
CA HIS B 30 -1.02 3.48 -28.73
C HIS B 30 -2.20 4.39 -28.37
N ARG B 31 -3.32 4.24 -29.07
CA ARG B 31 -4.50 5.06 -28.86
C ARG B 31 -5.53 4.28 -28.04
N VAL B 32 -6.13 4.94 -27.05
CA VAL B 32 -7.07 4.34 -26.09
C VAL B 32 -8.41 5.06 -26.16
N ASP B 33 -9.52 4.30 -26.20
CA ASP B 33 -10.87 4.84 -26.22
C ASP B 33 -11.29 5.20 -24.79
N GLN B 34 -12.14 6.24 -24.68
CA GLN B 34 -12.75 6.73 -23.44
C GLN B 34 -13.49 5.60 -22.71
N LYS B 35 -14.20 4.72 -23.46
CA LYS B 35 -14.99 3.60 -22.94
C LYS B 35 -14.17 2.59 -22.13
N GLU B 36 -12.88 2.36 -22.51
CA GLU B 36 -11.99 1.38 -21.85
C GLU B 36 -11.42 1.85 -20.49
N ILE B 37 -11.59 3.14 -20.13
CA ILE B 37 -10.99 3.66 -18.90
C ILE B 37 -12.00 4.17 -17.87
N THR B 38 -11.70 3.86 -16.59
CA THR B 38 -12.44 4.31 -15.42
C THR B 38 -11.48 5.12 -14.53
N GLN B 39 -11.89 6.36 -14.19
CA GLN B 39 -11.13 7.26 -13.37
C GLN B 39 -11.58 7.05 -11.94
N LEU B 40 -10.63 6.76 -11.05
CA LEU B 40 -10.87 6.52 -9.64
C LEU B 40 -10.37 7.68 -8.82
N SER B 41 -9.74 7.41 -7.68
CA SER B 41 -9.25 8.40 -6.74
C SER B 41 -8.11 9.25 -7.29
N HIS B 42 -8.05 10.53 -6.85
CA HIS B 42 -7.06 11.54 -7.19
C HIS B 42 -5.81 11.31 -6.37
N LEU B 43 -4.65 11.29 -7.03
CA LEU B 43 -3.35 11.00 -6.42
C LEU B 43 -2.45 12.20 -6.31
N GLY B 44 -2.66 13.19 -7.18
CA GLY B 44 -1.85 14.39 -7.18
C GLY B 44 -2.00 15.22 -8.42
N GLN B 45 -1.24 16.26 -8.50
CA GLN B 45 -1.27 17.21 -9.61
C GLN B 45 0.17 17.50 -10.06
N GLY B 46 0.44 17.37 -11.36
CA GLY B 46 1.75 17.64 -11.94
C GLY B 46 1.80 18.96 -12.67
N THR B 47 2.78 19.13 -13.57
CA THR B 47 2.84 20.37 -14.34
C THR B 47 1.75 20.26 -15.41
N ARG B 48 0.68 21.07 -15.26
CA ARG B 48 -0.49 21.10 -16.14
C ARG B 48 -1.28 19.78 -16.17
N THR B 49 -1.14 18.95 -15.12
CA THR B 49 -1.83 17.68 -15.06
C THR B 49 -2.47 17.40 -13.73
N ASN B 50 -3.41 16.45 -13.74
CA ASN B 50 -4.01 15.86 -12.55
C ASN B 50 -3.84 14.36 -12.69
N VAL B 51 -3.32 13.71 -11.66
CA VAL B 51 -3.02 12.27 -11.58
C VAL B 51 -4.13 11.54 -10.79
N TYR B 52 -4.70 10.50 -11.41
CA TYR B 52 -5.76 9.68 -10.81
C TYR B 52 -5.42 8.23 -10.95
N GLU B 53 -5.90 7.43 -10.02
CA GLU B 53 -5.83 5.98 -10.07
C GLU B 53 -6.96 5.62 -11.06
N GLY B 54 -6.86 4.48 -11.71
CA GLY B 54 -7.91 4.06 -12.62
C GLY B 54 -7.85 2.63 -13.04
N ARG B 55 -8.83 2.24 -13.87
CA ARG B 55 -8.93 0.90 -14.45
C ARG B 55 -8.90 1.01 -15.97
N LEU B 56 -8.20 0.06 -16.61
CA LEU B 56 -8.11 -0.07 -18.07
C LEU B 56 -8.64 -1.45 -18.45
N ARG B 57 -9.62 -1.52 -19.40
CA ARG B 57 -10.19 -2.77 -19.92
C ARG B 57 -9.44 -3.25 -21.17
N GLN B 83 -8.34 -9.21 -17.32
CA GLN B 83 -9.20 -8.40 -18.20
C GLN B 83 -9.08 -6.89 -17.88
N GLU B 84 -9.13 -6.55 -16.57
CA GLU B 84 -9.05 -5.18 -16.08
C GLU B 84 -7.73 -4.92 -15.37
N LEU B 85 -6.96 -3.90 -15.81
CA LEU B 85 -5.71 -3.57 -15.13
C LEU B 85 -5.83 -2.33 -14.29
N ARG B 86 -5.07 -2.28 -13.18
CA ARG B 86 -4.94 -1.05 -12.40
C ARG B 86 -3.95 -0.13 -13.15
N VAL B 87 -4.37 1.07 -13.43
CA VAL B 87 -3.54 2.02 -14.16
C VAL B 87 -3.51 3.37 -13.42
N VAL B 88 -2.68 4.29 -13.90
CA VAL B 88 -2.57 5.66 -13.40
C VAL B 88 -2.83 6.56 -14.61
N LEU B 89 -3.82 7.43 -14.49
CA LEU B 89 -4.22 8.34 -15.54
C LEU B 89 -3.68 9.76 -15.27
N LYS B 90 -2.92 10.28 -16.23
CA LYS B 90 -2.36 11.62 -16.18
C LYS B 90 -3.22 12.41 -17.13
N VAL B 91 -4.09 13.23 -16.58
CA VAL B 91 -5.09 14.05 -17.26
C VAL B 91 -4.54 15.46 -17.50
N LEU B 92 -4.28 15.79 -18.78
CA LEU B 92 -3.75 17.12 -19.11
C LEU B 92 -4.88 18.18 -18.95
N ASP B 93 -4.51 19.36 -18.44
CA ASP B 93 -5.40 20.52 -18.27
C ASP B 93 -5.88 20.97 -19.66
N PRO B 94 -6.98 21.77 -19.82
CA PRO B 94 -7.33 22.29 -21.16
C PRO B 94 -6.13 23.12 -21.65
N SER B 95 -5.46 22.62 -22.71
CA SER B 95 -4.20 23.16 -23.25
C SER B 95 -4.23 23.45 -24.74
N HIS B 96 -3.26 24.29 -25.21
CA HIS B 96 -3.05 24.55 -26.63
C HIS B 96 -2.32 23.37 -27.27
N HIS B 97 -2.28 23.35 -28.62
CA HIS B 97 -1.72 22.27 -29.43
C HIS B 97 -0.25 21.99 -29.18
N ASP B 98 0.53 23.05 -28.89
CA ASP B 98 1.96 22.93 -28.57
C ASP B 98 2.18 22.24 -27.21
N ILE B 99 1.32 22.53 -26.20
CA ILE B 99 1.32 21.87 -24.89
C ILE B 99 1.00 20.36 -25.03
N ALA B 100 -0.09 20.05 -25.78
CA ALA B 100 -0.55 18.68 -26.05
C ALA B 100 0.46 17.89 -26.84
N LEU B 101 1.16 18.55 -27.79
CA LEU B 101 2.18 17.91 -28.62
C LEU B 101 3.36 17.43 -27.78
N ALA B 102 3.76 18.25 -26.77
CA ALA B 102 4.80 17.98 -25.78
C ALA B 102 4.39 16.78 -24.90
N PHE B 103 3.08 16.65 -24.64
CA PHE B 103 2.47 15.55 -23.89
C PHE B 103 2.55 14.27 -24.71
N TYR B 104 2.26 14.35 -26.05
CA TYR B 104 2.36 13.18 -26.95
C TYR B 104 3.79 12.69 -27.11
N GLU B 105 4.77 13.62 -27.15
CA GLU B 105 6.18 13.30 -27.25
C GLU B 105 6.62 12.45 -26.05
N THR B 106 6.13 12.83 -24.84
CA THR B 106 6.36 12.14 -23.56
C THR B 106 5.80 10.71 -23.66
N ALA B 107 4.56 10.58 -24.17
CA ALA B 107 3.93 9.26 -24.33
C ALA B 107 4.74 8.40 -25.29
N SER B 108 5.18 9.00 -26.43
CA SER B 108 6.02 8.38 -27.43
C SER B 108 7.32 7.85 -26.83
N LEU B 109 8.16 8.72 -26.25
CA LEU B 109 9.41 8.32 -25.59
C LEU B 109 9.23 7.06 -24.72
N MET B 110 8.20 7.06 -23.86
CA MET B 110 7.91 5.98 -22.94
C MET B 110 7.32 4.72 -23.62
N SER B 111 6.50 4.92 -24.67
CA SER B 111 5.90 3.83 -25.45
C SER B 111 6.98 3.05 -26.24
N GLN B 112 7.90 3.79 -26.88
CA GLN B 112 8.99 3.26 -27.71
C GLN B 112 10.21 2.73 -26.92
N VAL B 113 10.15 2.72 -25.58
CA VAL B 113 11.26 2.16 -24.79
C VAL B 113 10.82 0.95 -23.99
N SER B 114 11.79 0.20 -23.45
CA SER B 114 11.54 -0.96 -22.62
C SER B 114 12.71 -1.15 -21.71
N HIS B 115 12.45 -1.06 -20.42
CA HIS B 115 13.45 -1.23 -19.38
C HIS B 115 12.75 -1.62 -18.11
N THR B 116 13.41 -2.48 -17.33
CA THR B 116 12.92 -3.07 -16.11
C THR B 116 12.67 -1.95 -15.04
N HIS B 117 13.48 -0.88 -15.08
CA HIS B 117 13.38 0.28 -14.18
C HIS B 117 12.80 1.52 -14.85
N LEU B 118 11.87 1.33 -15.80
CA LEU B 118 11.17 2.39 -16.52
C LEU B 118 9.69 2.03 -16.57
N ALA B 119 8.81 2.95 -16.16
CA ALA B 119 7.38 2.70 -16.13
C ALA B 119 6.78 2.61 -17.52
N PHE B 120 5.89 1.63 -17.69
CA PHE B 120 5.17 1.33 -18.91
C PHE B 120 4.08 2.36 -19.19
N VAL B 121 3.88 2.68 -20.48
CA VAL B 121 2.83 3.57 -20.96
C VAL B 121 1.95 2.76 -21.89
N HIS B 122 0.66 2.63 -21.52
CA HIS B 122 -0.33 1.87 -22.25
C HIS B 122 -0.69 2.57 -23.54
N GLY B 123 -0.87 3.88 -23.45
CA GLY B 123 -1.23 4.73 -24.56
C GLY B 123 -1.84 6.02 -24.10
N VAL B 124 -2.60 6.69 -24.97
CA VAL B 124 -3.23 8.00 -24.71
C VAL B 124 -4.67 8.00 -25.20
N CYS B 125 -5.55 8.54 -24.38
CA CYS B 125 -6.95 8.74 -24.68
C CYS B 125 -7.19 10.22 -24.97
N VAL B 126 -7.81 10.58 -26.10
CA VAL B 126 -8.10 12.00 -26.40
C VAL B 126 -9.63 12.35 -26.14
N ARG B 127 -9.95 12.93 -24.96
CA ARG B 127 -11.33 13.26 -24.51
C ARG B 127 -11.62 14.78 -24.28
N GLY B 128 -12.15 15.45 -25.32
CA GLY B 128 -12.54 16.87 -25.32
C GLY B 128 -11.43 17.83 -24.94
N PRO B 129 -11.60 18.67 -23.88
CA PRO B 129 -10.50 19.58 -23.47
C PRO B 129 -9.36 18.86 -22.75
N GLU B 130 -9.58 17.58 -22.33
CA GLU B 130 -8.58 16.75 -21.64
C GLU B 130 -7.93 15.67 -22.56
N ASN B 131 -6.70 15.32 -22.26
CA ASN B 131 -5.90 14.28 -22.94
C ASN B 131 -5.46 13.42 -21.78
N ILE B 132 -5.55 12.09 -21.93
CA ILE B 132 -5.27 11.22 -20.81
C ILE B 132 -4.24 10.17 -21.13
N MET B 133 -3.09 10.26 -20.52
CA MET B 133 -2.04 9.28 -20.68
C MET B 133 -2.36 8.15 -19.66
N VAL B 134 -2.38 6.91 -20.13
CA VAL B 134 -2.68 5.71 -19.36
C VAL B 134 -1.36 5.05 -19.12
N THR B 135 -0.93 5.00 -17.84
CA THR B 135 0.39 4.50 -17.46
C THR B 135 0.31 3.38 -16.44
N GLU B 136 1.47 2.73 -16.18
CA GLU B 136 1.59 1.64 -15.23
C GLU B 136 1.27 2.14 -13.81
N TYR B 137 0.52 1.35 -13.05
CA TYR B 137 0.23 1.51 -11.63
C TYR B 137 1.35 0.71 -10.98
N VAL B 138 2.03 1.34 -10.02
CA VAL B 138 3.16 0.78 -9.29
C VAL B 138 2.68 0.72 -7.83
N GLU B 139 2.81 -0.46 -7.16
CA GLU B 139 2.26 -0.71 -5.83
C GLU B 139 2.37 0.43 -4.84
N HIS B 140 3.60 0.93 -4.59
CA HIS B 140 3.84 1.86 -3.51
C HIS B 140 3.92 3.37 -3.85
N GLY B 141 3.73 3.74 -5.12
CA GLY B 141 3.74 5.15 -5.50
C GLY B 141 5.07 5.87 -5.39
N PRO B 142 5.07 7.22 -5.43
CA PRO B 142 6.35 7.97 -5.40
C PRO B 142 7.27 7.69 -4.22
N LEU B 143 8.57 7.77 -4.46
CA LEU B 143 9.67 7.51 -3.54
C LEU B 143 9.83 8.64 -2.52
N ASP B 144 9.65 9.91 -2.95
CA ASP B 144 9.84 11.08 -2.07
C ASP B 144 8.92 11.05 -0.85
N VAL B 145 7.66 10.65 -1.07
CA VAL B 145 6.61 10.48 -0.07
C VAL B 145 7.03 9.40 0.94
N TRP B 146 7.53 8.24 0.46
CA TRP B 146 7.94 7.17 1.34
C TRP B 146 9.18 7.53 2.10
N LEU B 147 10.09 8.31 1.50
CA LEU B 147 11.30 8.78 2.16
C LEU B 147 11.02 9.71 3.34
N ARG B 148 10.02 10.60 3.21
CA ARG B 148 9.63 11.55 4.27
C ARG B 148 8.92 10.86 5.42
N ARG B 149 8.10 9.87 5.09
CA ARG B 149 7.33 9.09 6.05
C ARG B 149 8.24 8.10 6.81
N GLU B 150 9.38 7.72 6.22
CA GLU B 150 10.32 6.76 6.79
C GLU B 150 11.63 7.40 7.19
N ARG B 151 11.60 8.76 7.32
CA ARG B 151 12.70 9.69 7.66
C ARG B 151 13.47 9.22 8.90
N GLY B 152 14.76 8.96 8.71
CA GLY B 152 15.62 8.50 9.79
C GLY B 152 15.75 7.00 9.90
N HIS B 153 14.86 6.24 9.23
CA HIS B 153 14.84 4.78 9.27
C HIS B 153 15.10 4.10 7.93
N VAL B 154 15.78 4.82 6.99
CA VAL B 154 16.14 4.30 5.67
C VAL B 154 17.65 4.05 5.59
N PRO B 155 18.07 2.76 5.48
CA PRO B 155 19.50 2.45 5.45
C PRO B 155 20.24 2.92 4.19
N MET B 156 21.55 3.19 4.34
CA MET B 156 22.45 3.60 3.30
C MET B 156 22.41 2.66 2.09
N ALA B 157 22.42 1.33 2.37
CA ALA B 157 22.39 0.25 1.40
C ALA B 157 21.12 0.34 0.51
N TRP B 158 19.96 0.67 1.13
CA TRP B 158 18.65 0.87 0.49
C TRP B 158 18.76 2.03 -0.52
N LYS B 159 19.37 3.15 -0.10
CA LYS B 159 19.58 4.34 -0.92
C LYS B 159 20.58 4.03 -2.02
N MET B 160 21.54 3.14 -1.72
CA MET B 160 22.58 2.74 -2.67
C MET B 160 22.03 1.82 -3.76
N VAL B 161 21.09 0.92 -3.42
CA VAL B 161 20.42 0.02 -4.36
C VAL B 161 19.54 0.85 -5.35
N VAL B 162 18.87 1.91 -4.84
CA VAL B 162 18.00 2.85 -5.60
C VAL B 162 18.83 3.76 -6.55
N ALA B 163 20.10 4.08 -6.18
CA ALA B 163 20.96 4.90 -7.01
C ALA B 163 21.34 4.16 -8.30
N GLN B 164 21.81 2.88 -8.13
CA GLN B 164 22.22 1.95 -9.20
C GLN B 164 21.08 1.72 -10.15
N GLN B 165 19.86 1.46 -9.61
CA GLN B 165 18.66 1.22 -10.42
C GLN B 165 18.24 2.45 -11.22
N LEU B 166 18.47 3.66 -10.69
CA LEU B 166 18.14 4.90 -11.38
C LEU B 166 19.20 5.14 -12.46
N ALA B 167 20.49 4.89 -12.12
CA ALA B 167 21.58 5.06 -13.08
C ALA B 167 21.40 4.11 -14.24
N SER B 168 21.07 2.85 -13.97
CA SER B 168 20.85 1.85 -15.01
C SER B 168 19.80 2.26 -16.05
N ALA B 169 18.61 2.74 -15.62
CA ALA B 169 17.54 3.14 -16.54
C ALA B 169 17.93 4.37 -17.34
N LEU B 170 18.76 5.24 -16.74
CA LEU B 170 19.27 6.47 -17.34
C LEU B 170 20.43 6.18 -18.31
N SER B 171 21.21 5.11 -18.01
CA SER B 171 22.32 4.57 -18.80
C SER B 171 21.71 4.01 -20.07
N TYR B 172 20.60 3.28 -19.91
CA TYR B 172 19.84 2.72 -21.00
C TYR B 172 19.34 3.85 -21.90
N LEU B 173 18.80 4.95 -21.32
CA LEU B 173 18.30 6.07 -22.14
C LEU B 173 19.46 6.83 -22.81
N GLU B 174 20.69 6.78 -22.23
CA GLU B 174 21.90 7.42 -22.73
C GLU B 174 22.41 6.69 -23.97
N ASN B 175 22.40 5.34 -23.93
CA ASN B 175 22.81 4.49 -25.06
C ASN B 175 21.89 4.68 -26.26
N LYS B 176 20.60 4.98 -26.02
CA LYS B 176 19.62 5.21 -27.07
C LYS B 176 19.59 6.71 -27.43
N ASN B 177 20.42 7.51 -26.75
CA ASN B 177 20.55 8.98 -26.90
C ASN B 177 19.19 9.70 -26.77
N LEU B 178 18.44 9.35 -25.72
CA LEU B 178 17.13 9.89 -25.36
C LEU B 178 17.19 10.67 -24.06
N VAL B 179 16.34 11.70 -23.93
CA VAL B 179 16.30 12.53 -22.72
C VAL B 179 15.01 12.30 -21.92
N HIS B 180 15.15 12.09 -20.59
CA HIS B 180 14.00 11.99 -19.68
C HIS B 180 13.59 13.44 -19.41
N GLY B 181 14.48 14.19 -18.75
CA GLY B 181 14.35 15.62 -18.46
C GLY B 181 13.54 16.03 -17.24
N ASN B 182 13.17 15.05 -16.36
CA ASN B 182 12.39 15.28 -15.16
C ASN B 182 12.71 14.22 -14.10
N VAL B 183 13.99 14.02 -13.85
CA VAL B 183 14.42 13.04 -12.85
C VAL B 183 14.30 13.72 -11.48
N CYS B 184 13.41 13.20 -10.61
CA CYS B 184 13.22 13.67 -9.23
C CYS B 184 12.55 12.57 -8.46
N GLY B 185 12.66 12.60 -7.13
CA GLY B 185 12.10 11.60 -6.23
C GLY B 185 10.66 11.26 -6.54
N ARG B 186 9.86 12.31 -6.85
CA ARG B 186 8.44 12.20 -7.19
C ARG B 186 8.19 11.29 -8.42
N ASN B 187 9.14 11.28 -9.39
CA ASN B 187 9.05 10.47 -10.61
C ASN B 187 9.64 9.08 -10.45
N ILE B 188 10.10 8.76 -9.24
CA ILE B 188 10.64 7.45 -8.92
C ILE B 188 9.54 6.70 -8.18
N LEU B 189 9.05 5.62 -8.79
CA LEU B 189 7.99 4.83 -8.14
C LEU B 189 8.56 3.53 -7.59
N LEU B 190 8.11 3.13 -6.40
CA LEU B 190 8.57 1.90 -5.77
C LEU B 190 7.63 0.73 -6.10
N ALA B 191 8.09 -0.22 -6.93
CA ALA B 191 7.35 -1.44 -7.31
C ALA B 191 7.34 -2.45 -6.16
N ARG B 192 8.49 -2.59 -5.51
CA ARG B 192 8.76 -3.39 -4.31
C ARG B 192 9.46 -2.45 -3.31
N LEU B 193 8.98 -2.42 -2.04
CA LEU B 193 9.39 -1.43 -1.05
C LEU B 193 10.83 -1.54 -0.51
N GLY B 194 11.22 -2.70 0.00
CA GLY B 194 12.58 -2.91 0.48
C GLY B 194 12.96 -2.37 1.86
N LEU B 195 12.04 -1.66 2.54
CA LEU B 195 12.32 -1.15 3.89
C LEU B 195 12.25 -2.26 4.94
N ALA B 196 11.38 -3.28 4.72
CA ALA B 196 11.26 -4.45 5.60
C ALA B 196 12.49 -5.36 5.44
N GLU B 197 12.88 -6.06 6.52
CA GLU B 197 14.04 -6.96 6.56
C GLU B 197 13.97 -8.03 5.46
N GLY B 198 15.10 -8.28 4.81
CA GLY B 198 15.20 -9.25 3.73
C GLY B 198 14.54 -8.85 2.43
N THR B 199 14.16 -7.57 2.32
CA THR B 199 13.56 -7.02 1.11
C THR B 199 14.52 -5.97 0.52
N SER B 200 14.67 -5.98 -0.81
CA SER B 200 15.46 -4.99 -1.52
C SER B 200 14.51 -4.17 -2.42
N PRO B 201 14.66 -2.82 -2.49
CA PRO B 201 13.72 -2.02 -3.32
C PRO B 201 13.79 -2.28 -4.80
N PHE B 202 12.67 -2.07 -5.50
CA PHE B 202 12.63 -2.17 -6.95
C PHE B 202 11.94 -0.92 -7.44
N ILE B 203 12.64 -0.07 -8.19
CA ILE B 203 12.04 1.17 -8.70
C ILE B 203 11.71 1.13 -10.18
N LYS B 204 10.82 2.02 -10.62
CA LYS B 204 10.45 2.26 -12.02
C LYS B 204 10.37 3.77 -12.16
N LEU B 205 11.09 4.32 -13.14
CA LEU B 205 11.11 5.76 -13.42
C LEU B 205 9.87 6.10 -14.24
N SER B 206 9.06 7.06 -13.75
CA SER B 206 7.81 7.48 -14.39
C SER B 206 8.10 8.24 -15.65
N ASP B 207 7.05 8.52 -16.44
CA ASP B 207 7.14 9.39 -17.61
C ASP B 207 7.50 10.79 -17.13
N PRO B 208 8.24 11.59 -17.92
CA PRO B 208 8.59 12.94 -17.45
C PRO B 208 7.46 14.01 -17.48
N GLY B 209 6.24 13.63 -17.85
CA GLY B 209 5.10 14.54 -18.01
C GLY B 209 5.36 15.50 -19.17
N VAL B 210 4.56 16.60 -19.32
CA VAL B 210 4.76 17.62 -20.36
C VAL B 210 6.24 17.99 -20.50
N GLY B 211 6.80 17.82 -21.70
CA GLY B 211 8.18 18.12 -22.01
C GLY B 211 8.61 19.48 -21.50
N LEU B 212 9.85 19.58 -20.99
CA LEU B 212 10.40 20.81 -20.44
C LEU B 212 10.35 22.00 -21.41
N GLY B 213 10.47 21.71 -22.71
CA GLY B 213 10.44 22.72 -23.79
C GLY B 213 9.18 23.56 -23.83
N ALA B 214 8.02 22.96 -23.48
CA ALA B 214 6.73 23.62 -23.45
C ALA B 214 6.46 24.45 -22.17
N LEU B 215 7.32 24.35 -21.15
CA LEU B 215 7.13 25.08 -19.89
C LEU B 215 7.61 26.51 -19.93
N SER B 216 6.92 27.38 -19.15
CA SER B 216 7.26 28.80 -18.96
C SER B 216 8.51 28.91 -18.03
N ARG B 217 9.11 30.09 -17.92
CA ARG B 217 10.27 30.30 -17.04
C ARG B 217 9.88 30.07 -15.58
N GLU B 218 8.67 30.52 -15.17
CA GLU B 218 8.13 30.37 -13.81
C GLU B 218 8.10 28.88 -13.44
N GLU B 219 7.60 28.02 -14.37
CA GLU B 219 7.51 26.57 -14.22
C GLU B 219 8.88 25.90 -14.17
N ARG B 220 9.86 26.42 -14.93
CA ARG B 220 11.21 25.88 -14.93
C ARG B 220 11.93 26.24 -13.61
N VAL B 221 11.66 27.46 -13.06
CA VAL B 221 12.21 27.91 -11.76
C VAL B 221 11.68 27.01 -10.62
N GLU B 222 10.42 26.56 -10.74
CA GLU B 222 9.79 25.68 -9.77
C GLU B 222 10.51 24.31 -9.67
N ARG B 223 11.26 23.93 -10.74
CA ARG B 223 11.93 22.64 -10.87
C ARG B 223 13.32 22.63 -10.27
N ILE B 224 13.82 23.81 -9.80
CA ILE B 224 15.10 23.96 -9.10
C ILE B 224 14.90 23.26 -7.73
N PRO B 225 15.80 22.39 -7.26
CA PRO B 225 17.17 22.10 -7.75
C PRO B 225 17.35 20.99 -8.76
N TRP B 226 16.28 20.33 -9.17
CA TRP B 226 16.37 19.21 -10.12
C TRP B 226 16.62 19.67 -11.54
N LEU B 227 16.05 20.82 -11.94
CA LEU B 227 16.25 21.43 -13.25
C LEU B 227 17.73 21.79 -13.46
N ALA B 228 18.35 21.31 -14.56
CA ALA B 228 19.75 21.62 -14.90
C ALA B 228 19.85 23.14 -15.17
N PRO B 229 20.87 23.84 -14.63
CA PRO B 229 20.94 25.32 -14.79
C PRO B 229 20.96 25.82 -16.24
N GLU B 230 21.47 25.02 -17.21
CA GLU B 230 21.47 25.39 -18.62
C GLU B 230 20.04 25.49 -19.21
N CYS B 231 19.05 24.83 -18.56
CA CYS B 231 17.66 24.85 -18.98
C CYS B 231 16.92 26.03 -18.43
N LEU B 232 17.54 26.81 -17.55
CA LEU B 232 16.90 27.98 -16.93
C LEU B 232 16.56 29.15 -17.92
N PRO B 233 17.47 29.61 -18.83
CA PRO B 233 17.08 30.74 -19.71
C PRO B 233 16.13 30.37 -20.86
N SER B 240 19.73 18.38 -24.31
CA SER B 240 20.81 17.39 -24.27
C SER B 240 20.69 16.41 -23.11
N THR B 241 21.29 15.20 -23.27
CA THR B 241 21.32 14.11 -22.28
C THR B 241 22.05 14.56 -20.99
N ALA B 242 22.88 15.64 -21.09
CA ALA B 242 23.66 16.21 -19.98
C ALA B 242 22.80 16.67 -18.80
N MET B 243 21.55 17.11 -19.07
CA MET B 243 20.59 17.59 -18.06
C MET B 243 20.16 16.47 -17.09
N ASP B 244 20.02 15.21 -17.58
CA ASP B 244 19.63 14.06 -16.75
C ASP B 244 20.74 13.68 -15.76
N LYS B 245 21.98 14.13 -16.01
CA LYS B 245 23.07 13.87 -15.06
C LYS B 245 22.94 14.84 -13.89
N TRP B 246 22.45 16.10 -14.13
CA TRP B 246 22.19 17.08 -13.06
C TRP B 246 20.94 16.57 -12.27
N GLY B 247 19.84 16.25 -12.99
CA GLY B 247 18.62 15.67 -12.45
C GLY B 247 18.92 14.51 -11.52
N PHE B 248 19.76 13.57 -11.98
CA PHE B 248 20.23 12.42 -11.23
C PHE B 248 20.99 12.83 -9.95
N GLY B 249 21.93 13.75 -10.06
CA GLY B 249 22.71 14.25 -8.91
C GLY B 249 21.85 14.92 -7.84
N ALA B 250 20.89 15.77 -8.27
CA ALA B 250 19.94 16.45 -7.37
C ALA B 250 18.99 15.44 -6.67
N THR B 251 18.59 14.35 -7.38
CA THR B 251 17.71 13.30 -6.86
C THR B 251 18.46 12.48 -5.82
N LEU B 252 19.76 12.24 -6.05
CA LEU B 252 20.60 11.50 -5.12
C LEU B 252 20.75 12.31 -3.83
N LEU B 253 20.74 13.66 -3.90
CA LEU B 253 20.80 14.50 -2.70
C LEU B 253 19.47 14.43 -1.92
N GLU B 254 18.34 14.41 -2.66
CA GLU B 254 16.98 14.31 -2.15
C GLU B 254 16.83 12.97 -1.43
N ILE B 255 17.40 11.89 -2.01
CA ILE B 255 17.38 10.53 -1.44
C ILE B 255 18.19 10.47 -0.16
N CYS B 256 19.39 11.06 -0.20
CA CYS B 256 20.30 11.13 0.94
C CYS B 256 19.65 11.89 2.11
N PHE B 257 18.97 13.01 1.81
CA PHE B 257 18.31 13.86 2.81
C PHE B 257 16.87 13.42 3.14
N ASP B 258 16.58 12.12 2.94
CA ASP B 258 15.31 11.44 3.20
C ASP B 258 14.08 12.22 2.68
N GLY B 259 14.12 12.58 1.41
CA GLY B 259 13.03 13.26 0.74
C GLY B 259 13.02 14.77 0.82
N GLU B 260 13.99 15.35 1.51
CA GLU B 260 14.12 16.81 1.67
C GLU B 260 15.19 17.38 0.72
N ALA B 261 14.80 17.79 -0.51
CA ALA B 261 15.75 18.37 -1.48
C ALA B 261 16.24 19.73 -1.00
N PRO B 262 17.52 20.09 -1.21
CA PRO B 262 17.97 21.42 -0.79
C PRO B 262 17.28 22.48 -1.66
N LEU B 263 16.98 23.69 -1.13
CA LEU B 263 16.31 24.81 -1.83
C LEU B 263 14.79 24.65 -2.03
N GLN B 264 14.25 23.45 -1.77
CA GLN B 264 12.83 23.09 -1.93
C GLN B 264 11.88 24.08 -1.22
N SER B 265 12.20 24.46 0.03
CA SER B 265 11.40 25.39 0.84
C SER B 265 11.52 26.87 0.41
N ARG B 266 12.71 27.25 -0.10
CA ARG B 266 13.08 28.61 -0.52
C ARG B 266 12.20 29.14 -1.70
N SER B 267 12.07 30.49 -1.81
CA SER B 267 11.21 31.22 -2.77
C SER B 267 11.72 31.20 -4.23
N PRO B 268 10.86 31.43 -5.27
CA PRO B 268 11.35 31.39 -6.67
C PRO B 268 12.52 32.32 -6.94
N SER B 269 12.50 33.52 -6.34
CA SER B 269 13.57 34.51 -6.52
C SER B 269 14.87 33.99 -5.91
N GLU B 270 14.79 33.39 -4.69
CA GLU B 270 15.92 32.76 -3.98
C GLU B 270 16.51 31.62 -4.81
N LYS B 271 15.61 30.79 -5.42
CA LYS B 271 15.95 29.65 -6.27
C LYS B 271 16.67 30.11 -7.54
N GLU B 272 16.10 31.11 -8.23
CA GLU B 272 16.68 31.70 -9.42
C GLU B 272 18.05 32.32 -9.08
N HIS B 273 18.10 33.09 -7.97
CA HIS B 273 19.33 33.76 -7.49
C HIS B 273 20.48 32.76 -7.30
N PHE B 274 20.19 31.57 -6.74
CA PHE B 274 21.16 30.50 -6.50
C PHE B 274 21.85 30.04 -7.79
N TYR B 275 21.07 29.90 -8.87
CA TYR B 275 21.58 29.45 -10.17
C TYR B 275 22.29 30.61 -10.88
N GLN B 276 21.69 31.84 -10.81
CA GLN B 276 22.21 33.10 -11.36
C GLN B 276 23.57 33.45 -10.75
N ARG B 277 23.82 33.06 -9.48
CA ARG B 277 25.09 33.34 -8.80
C ARG B 277 26.08 32.15 -8.84
N GLN B 278 25.71 31.07 -9.59
CA GLN B 278 26.49 29.84 -9.82
C GLN B 278 26.83 29.04 -8.55
N HIS B 279 26.04 29.25 -7.46
CA HIS B 279 26.23 28.56 -6.17
C HIS B 279 26.11 27.05 -6.33
N ARG B 280 26.87 26.29 -5.54
CA ARG B 280 26.78 24.84 -5.66
C ARG B 280 25.92 24.21 -4.52
N LEU B 281 25.24 23.11 -4.84
CA LEU B 281 24.33 22.44 -3.88
C LEU B 281 25.10 21.77 -2.76
N PRO B 282 24.47 21.58 -1.57
CA PRO B 282 25.19 20.92 -0.45
C PRO B 282 25.74 19.55 -0.80
N GLU B 283 26.80 19.15 -0.12
CA GLU B 283 27.39 17.83 -0.31
C GLU B 283 26.53 16.80 0.46
N PRO B 284 26.34 15.58 -0.08
CA PRO B 284 25.50 14.58 0.62
C PRO B 284 26.07 14.14 1.96
N SER B 285 25.18 13.74 2.90
CA SER B 285 25.54 13.30 4.26
C SER B 285 26.48 12.08 4.22
N CYS B 286 26.23 11.13 3.27
CA CYS B 286 27.03 9.93 3.06
C CYS B 286 28.19 10.16 2.08
N PRO B 287 29.46 10.04 2.54
CA PRO B 287 30.59 10.30 1.63
C PRO B 287 30.78 9.29 0.48
N GLN B 288 29.94 8.23 0.41
CA GLN B 288 30.02 7.26 -0.70
C GLN B 288 29.49 7.88 -2.01
N LEU B 289 28.64 8.93 -1.88
CA LEU B 289 28.09 9.57 -3.07
C LEU B 289 28.59 11.02 -3.32
N ALA B 290 29.33 11.60 -2.36
CA ALA B 290 29.88 12.97 -2.38
C ALA B 290 30.70 13.32 -3.62
N THR B 291 31.47 12.35 -4.14
CA THR B 291 32.30 12.51 -5.33
C THR B 291 31.41 12.48 -6.56
N LEU B 292 30.49 11.53 -6.61
CA LEU B 292 29.56 11.38 -7.72
C LEU B 292 28.65 12.63 -7.90
N THR B 293 28.02 13.12 -6.80
CA THR B 293 27.14 14.28 -6.85
C THR B 293 27.88 15.57 -7.23
N SER B 294 29.12 15.77 -6.73
CA SER B 294 29.93 16.94 -7.04
C SER B 294 30.22 16.99 -8.53
N GLN B 295 30.53 15.82 -9.12
CA GLN B 295 30.77 15.66 -10.57
C GLN B 295 29.52 15.92 -11.38
N CYS B 296 28.36 15.39 -10.92
CA CYS B 296 27.08 15.53 -11.62
C CYS B 296 26.51 16.95 -11.55
N LEU B 297 26.64 17.60 -10.39
CA LEU B 297 26.06 18.91 -10.15
C LEU B 297 27.03 20.07 -10.46
N THR B 298 27.71 19.94 -11.62
CA THR B 298 28.61 20.95 -12.17
C THR B 298 27.86 21.74 -13.23
N TYR B 299 27.97 23.07 -13.19
CA TYR B 299 27.30 23.99 -14.10
C TYR B 299 27.71 23.84 -15.58
N GLU B 300 28.90 23.21 -15.85
CA GLU B 300 29.37 22.93 -17.20
C GLU B 300 28.84 21.55 -17.65
N PRO B 301 27.83 21.51 -18.56
CA PRO B 301 27.25 20.21 -18.96
C PRO B 301 28.22 19.14 -19.44
N THR B 302 29.25 19.53 -20.21
CA THR B 302 30.29 18.64 -20.76
C THR B 302 31.17 17.98 -19.69
N GLN B 303 31.31 18.64 -18.51
CA GLN B 303 32.10 18.16 -17.37
C GLN B 303 31.34 17.12 -16.48
N ARG B 304 30.10 16.72 -16.87
CA ARG B 304 29.30 15.71 -16.16
C ARG B 304 29.62 14.32 -16.65
N PRO B 305 29.92 13.35 -15.74
CA PRO B 305 30.26 11.98 -16.19
C PRO B 305 29.12 11.27 -16.94
N SER B 306 29.45 10.23 -17.73
CA SER B 306 28.44 9.47 -18.46
C SER B 306 27.73 8.51 -17.49
N PHE B 307 26.56 7.96 -17.87
CA PHE B 307 25.87 7.02 -16.98
C PHE B 307 26.57 5.67 -16.96
N ARG B 308 27.35 5.37 -18.01
CA ARG B 308 28.20 4.17 -18.12
C ARG B 308 29.26 4.29 -17.00
N THR B 309 29.85 5.50 -16.82
CA THR B 309 30.84 5.77 -15.77
C THR B 309 30.16 5.65 -14.39
N ILE B 310 29.10 6.46 -14.16
CA ILE B 310 28.30 6.51 -12.92
C ILE B 310 27.96 5.10 -12.43
N LEU B 311 27.40 4.26 -13.33
CA LEU B 311 27.01 2.88 -13.06
C LEU B 311 28.18 2.02 -12.55
N ARG B 312 29.37 2.16 -13.19
CA ARG B 312 30.60 1.46 -12.81
C ARG B 312 31.07 1.91 -11.40
N ASP B 313 30.98 3.22 -11.12
CA ASP B 313 31.34 3.82 -9.83
C ASP B 313 30.46 3.33 -8.64
N LEU B 314 29.17 3.00 -8.90
CA LEU B 314 28.24 2.54 -7.85
C LEU B 314 28.42 1.06 -7.58
N THR B 315 28.71 0.25 -8.65
CA THR B 315 28.89 -1.21 -8.57
C THR B 315 30.15 -1.59 -7.74
N ARG B 316 31.12 -0.65 -7.62
CA ARG B 316 32.36 -0.80 -6.85
C ARG B 316 32.13 -0.36 -5.39
#